data_2OX9
#
_entry.id   2OX9
#
_cell.length_a   47.998
_cell.length_b   53.755
_cell.length_c   59.084
_cell.angle_alpha   67.75
_cell.angle_beta   76.70
_cell.angle_gamma   85.37
#
_symmetry.space_group_name_H-M   'P 1'
#
loop_
_entity.id
_entity.type
_entity.pdbx_description
1 polymer 'Collectin placenta 1'
2 branched alpha-L-fucopyranose-(1-3)-[beta-D-galactopyranose-(1-4)]2-acetamido-2-deoxy-beta-D-glucopyranose
3 non-polymer 'CALCIUM ION'
4 water water
#
_entity_poly.entity_id   1
_entity_poly.type   'polypeptide(L)'
_entity_poly.pdbx_seq_one_letter_code
;EVNGCPPHWKNFTDKCYYFSLEKEIFEDAKLFCEDKSSHLVFINSREEQQWIKKHTVGRESHWIGLTDSEQESEWKWLDG
SPVDYKNWKAGQPDNWGSGHGPGEDCAGLIYAGQWNDFQCDEINNFICEKEREAVPSSIL
;
_entity_poly.pdbx_strand_id   A,B,C,D
#
loop_
_chem_comp.id
_chem_comp.type
_chem_comp.name
_chem_comp.formula
CA non-polymer 'CALCIUM ION' 'Ca 2'
FUC L-saccharide, alpha linking alpha-L-fucopyranose 'C6 H12 O5'
GAL D-saccharide, beta linking beta-D-galactopyranose 'C6 H12 O6'
NAG D-saccharide, beta linking 2-acetamido-2-deoxy-beta-D-glucopyranose 'C8 H15 N O6'
#
# COMPACT_ATOMS: atom_id res chain seq x y z
N GLY A 4 12.77 -1.69 -12.63
CA GLY A 4 11.54 -1.87 -11.81
C GLY A 4 10.86 -0.55 -11.47
N CYS A 5 11.48 0.55 -11.86
CA CYS A 5 10.92 1.87 -11.60
C CYS A 5 10.27 2.45 -12.85
N PRO A 6 9.33 3.38 -12.68
CA PRO A 6 8.68 3.96 -13.85
C PRO A 6 9.74 4.72 -14.64
N PRO A 7 9.45 5.04 -15.91
CA PRO A 7 10.46 5.79 -16.67
C PRO A 7 10.68 7.15 -15.99
N HIS A 8 11.90 7.67 -16.12
CA HIS A 8 12.32 8.94 -15.52
C HIS A 8 12.80 8.75 -14.09
N TRP A 9 12.54 7.58 -13.51
CA TRP A 9 12.96 7.29 -12.15
C TRP A 9 14.19 6.38 -12.12
N LYS A 10 15.04 6.57 -11.12
CA LYS A 10 16.24 5.77 -10.95
C LYS A 10 16.06 4.83 -9.76
N ASN A 11 16.61 3.63 -9.85
CA ASN A 11 16.49 2.70 -8.75
C ASN A 11 17.77 2.56 -7.93
N PHE A 12 17.59 2.38 -6.62
CA PHE A 12 18.68 2.17 -5.68
C PHE A 12 18.04 1.24 -4.66
N THR A 13 18.58 0.02 -4.52
CA THR A 13 18.01 -0.98 -3.63
C THR A 13 16.54 -1.14 -4.03
N ASP A 14 15.61 -1.10 -3.08
CA ASP A 14 14.20 -1.27 -3.43
C ASP A 14 13.39 0.03 -3.49
N LYS A 15 14.06 1.13 -3.80
CA LYS A 15 13.41 2.43 -3.90
C LYS A 15 13.61 3.03 -5.27
N CYS A 16 12.78 4.02 -5.59
CA CYS A 16 12.84 4.72 -6.86
C CYS A 16 12.97 6.21 -6.58
N TYR A 17 13.86 6.86 -7.31
CA TYR A 17 14.09 8.28 -7.12
C TYR A 17 13.91 9.07 -8.40
N TYR A 18 13.44 10.29 -8.25
CA TYR A 18 13.24 11.19 -9.37
C TYR A 18 14.08 12.45 -9.12
N PHE A 19 15.07 12.67 -9.99
CA PHE A 19 15.92 13.85 -9.88
C PHE A 19 15.34 14.88 -10.85
N SER A 20 14.56 15.80 -10.28
CA SER A 20 13.84 16.81 -11.05
C SER A 20 14.58 17.71 -12.02
N LEU A 21 13.85 18.09 -13.06
CA LEU A 21 14.34 19.03 -14.05
C LEU A 21 13.54 20.27 -13.69
N GLU A 22 12.50 20.06 -12.88
CA GLU A 22 11.65 21.15 -12.44
C GLU A 22 12.35 21.90 -11.30
N LYS A 23 12.15 23.21 -11.24
CA LYS A 23 12.73 24.05 -10.20
C LYS A 23 11.55 24.71 -9.47
N GLU A 24 11.47 24.54 -8.15
CA GLU A 24 10.35 25.09 -7.38
C GLU A 24 10.72 25.46 -5.93
N ILE A 25 9.86 26.23 -5.28
CA ILE A 25 10.10 26.57 -3.88
C ILE A 25 9.84 25.28 -3.12
N PHE A 26 10.25 25.22 -1.84
CA PHE A 26 10.08 24.00 -1.07
C PHE A 26 8.68 23.40 -1.04
N GLU A 27 7.68 24.20 -0.68
CA GLU A 27 6.31 23.70 -0.59
C GLU A 27 5.76 23.19 -1.91
N ASP A 28 6.20 23.80 -3.01
CA ASP A 28 5.75 23.37 -4.32
C ASP A 28 6.44 22.05 -4.69
N ALA A 29 7.68 21.89 -4.25
CA ALA A 29 8.44 20.67 -4.51
C ALA A 29 7.78 19.51 -3.73
N LYS A 30 7.41 19.80 -2.50
CA LYS A 30 6.77 18.83 -1.62
C LYS A 30 5.46 18.36 -2.25
N LEU A 31 4.74 19.31 -2.84
CA LEU A 31 3.46 19.03 -3.48
C LEU A 31 3.62 18.17 -4.73
N PHE A 32 4.68 18.45 -5.49
CA PHE A 32 4.96 17.73 -6.73
C PHE A 32 5.17 16.24 -6.46
N CYS A 33 6.01 15.93 -5.47
CA CYS A 33 6.29 14.54 -5.13
C CYS A 33 5.03 13.83 -4.61
N GLU A 34 4.19 14.56 -3.89
CA GLU A 34 2.96 13.96 -3.36
C GLU A 34 2.04 13.55 -4.51
N ASP A 35 2.04 14.34 -5.58
CA ASP A 35 1.20 14.05 -6.74
C ASP A 35 1.68 12.79 -7.44
N LYS A 36 2.93 12.40 -7.17
CA LYS A 36 3.51 11.20 -7.78
C LYS A 36 3.49 10.02 -6.79
N SER A 37 2.80 10.19 -5.67
CA SER A 37 2.73 9.16 -4.64
C SER A 37 4.15 8.93 -4.10
N SER A 38 4.87 10.02 -3.87
CA SER A 38 6.23 9.96 -3.34
C SER A 38 6.43 11.11 -2.38
N HIS A 39 7.62 11.21 -1.79
CA HIS A 39 7.92 12.30 -0.87
C HIS A 39 9.30 12.87 -1.17
N LEU A 40 9.53 14.12 -0.78
CA LEU A 40 10.86 14.70 -0.99
C LEU A 40 11.79 13.72 -0.28
N VAL A 41 12.89 13.38 -0.95
CA VAL A 41 13.83 12.39 -0.45
C VAL A 41 14.31 12.47 1.02
N PHE A 42 14.31 11.31 1.66
CA PHE A 42 14.80 11.16 3.04
C PHE A 42 16.12 10.42 2.88
N ILE A 43 17.22 11.03 3.29
CA ILE A 43 18.53 10.39 3.16
C ILE A 43 18.89 9.79 4.51
N ASN A 44 18.78 8.46 4.61
CA ASN A 44 19.03 7.74 5.85
C ASN A 44 20.39 7.06 6.04
N SER A 45 21.29 7.14 5.07
CA SER A 45 22.58 6.50 5.23
C SER A 45 23.65 7.08 4.29
N ARG A 46 24.91 6.77 4.57
CA ARG A 46 25.98 7.28 3.73
C ARG A 46 25.93 6.65 2.33
N GLU A 47 25.45 5.41 2.23
CA GLU A 47 25.37 4.75 0.93
C GLU A 47 24.32 5.40 0.06
N GLU A 48 23.18 5.75 0.66
CA GLU A 48 22.12 6.39 -0.11
C GLU A 48 22.59 7.81 -0.49
N GLN A 49 23.32 8.43 0.43
CA GLN A 49 23.86 9.78 0.20
C GLN A 49 24.83 9.81 -0.97
N GLN A 50 25.73 8.83 -0.99
CA GLN A 50 26.73 8.73 -2.05
C GLN A 50 26.09 8.49 -3.40
N TRP A 51 25.10 7.60 -3.45
CA TRP A 51 24.41 7.29 -4.69
C TRP A 51 23.67 8.54 -5.18
N ILE A 52 23.09 9.28 -4.24
CA ILE A 52 22.37 10.50 -4.61
C ILE A 52 23.34 11.56 -5.12
N LYS A 53 24.51 11.64 -4.47
CA LYS A 53 25.52 12.61 -4.84
C LYS A 53 25.92 12.51 -6.31
N LYS A 54 26.10 11.29 -6.82
CA LYS A 54 26.52 11.13 -8.21
C LYS A 54 25.45 11.48 -9.24
N HIS A 55 24.19 11.55 -8.79
CA HIS A 55 23.09 11.90 -9.68
C HIS A 55 22.72 13.38 -9.60
N THR A 56 23.42 14.13 -8.77
CA THR A 56 23.11 15.53 -8.62
C THR A 56 24.28 16.50 -8.79
N VAL A 57 25.37 16.07 -9.40
CA VAL A 57 26.47 16.98 -9.60
C VAL A 57 25.98 18.05 -10.58
N GLY A 58 26.35 19.30 -10.32
CA GLY A 58 25.90 20.39 -11.17
C GLY A 58 25.66 21.63 -10.32
N ARG A 59 25.42 22.76 -10.97
CA ARG A 59 25.19 24.01 -10.26
C ARG A 59 23.88 24.10 -9.48
N GLU A 60 22.85 23.41 -9.92
CA GLU A 60 21.58 23.49 -9.21
C GLU A 60 21.62 22.74 -7.87
N SER A 61 20.83 23.23 -6.92
CA SER A 61 20.73 22.62 -5.60
C SER A 61 19.47 21.75 -5.61
N HIS A 62 19.44 20.74 -4.75
CA HIS A 62 18.28 19.84 -4.71
C HIS A 62 17.63 19.76 -3.35
N TRP A 63 16.35 20.12 -3.27
CA TRP A 63 15.60 20.05 -2.03
C TRP A 63 15.52 18.59 -1.55
N ILE A 64 15.62 18.37 -0.24
CA ILE A 64 15.45 17.03 0.33
C ILE A 64 14.36 17.22 1.39
N GLY A 65 13.72 16.13 1.82
CA GLY A 65 12.61 16.25 2.77
C GLY A 65 12.95 16.51 4.23
N LEU A 66 13.73 17.55 4.47
CA LEU A 66 14.18 17.90 5.82
C LEU A 66 13.95 19.39 6.15
N THR A 67 13.35 19.67 7.29
CA THR A 67 13.09 21.06 7.69
C THR A 67 13.14 21.22 9.20
N ASP A 68 13.20 22.46 9.66
CA ASP A 68 13.20 22.77 11.08
C ASP A 68 12.24 23.94 11.31
N SER A 69 11.15 23.92 10.55
CA SER A 69 10.11 24.95 10.63
C SER A 69 9.29 24.81 11.90
N GLU A 70 9.05 23.57 12.31
CA GLU A 70 8.26 23.29 13.51
C GLU A 70 8.93 23.91 14.73
N GLN A 71 10.23 23.71 14.85
CA GLN A 71 11.01 24.26 15.96
C GLN A 71 12.45 24.47 15.48
N GLU A 72 12.84 25.73 15.38
CA GLU A 72 14.18 26.09 14.93
C GLU A 72 15.26 25.17 15.52
N SER A 73 16.16 24.69 14.66
CA SER A 73 17.26 23.81 15.03
C SER A 73 16.91 22.36 15.28
N GLU A 74 15.62 22.05 15.24
CA GLU A 74 15.14 20.69 15.46
C GLU A 74 14.78 20.15 14.07
N TRP A 75 15.76 19.58 13.39
CA TRP A 75 15.57 19.05 12.04
C TRP A 75 14.94 17.68 11.98
N LYS A 76 13.89 17.53 11.17
CA LYS A 76 13.20 16.26 11.03
C LYS A 76 12.78 16.07 9.58
N TRP A 77 12.60 14.82 9.19
CA TRP A 77 12.16 14.50 7.84
C TRP A 77 10.66 14.75 7.80
N LEU A 78 10.12 14.92 6.61
CA LEU A 78 8.70 15.20 6.47
C LEU A 78 7.77 14.23 7.20
N ASP A 79 8.21 13.00 7.37
CA ASP A 79 7.41 12.00 8.04
C ASP A 79 7.56 12.08 9.56
N GLY A 80 8.11 13.20 10.03
CA GLY A 80 8.28 13.40 11.45
C GLY A 80 9.50 12.77 12.11
N SER A 81 10.21 11.92 11.38
CA SER A 81 11.40 11.25 11.92
C SER A 81 12.54 12.23 12.19
N PRO A 82 13.11 12.19 13.40
CA PRO A 82 14.22 13.10 13.73
C PRO A 82 15.45 12.72 12.89
N VAL A 83 16.22 13.72 12.49
CA VAL A 83 17.41 13.47 11.69
C VAL A 83 18.38 12.57 12.44
N ASP A 84 18.88 11.56 11.73
CA ASP A 84 19.84 10.61 12.28
C ASP A 84 21.14 10.87 11.51
N TYR A 85 21.32 10.17 10.38
CA TYR A 85 22.49 10.37 9.55
C TYR A 85 22.41 11.83 9.10
N LYS A 86 23.54 12.53 9.05
CA LYS A 86 23.55 13.94 8.63
C LYS A 86 24.75 14.20 7.74
N ASN A 87 24.65 15.21 6.87
CA ASN A 87 25.76 15.55 5.99
C ASN A 87 25.83 17.04 5.74
N TRP A 88 25.65 17.84 6.81
CA TRP A 88 25.72 19.28 6.65
C TRP A 88 27.15 19.68 6.29
N LYS A 89 27.28 20.74 5.51
CA LYS A 89 28.58 21.26 5.17
C LYS A 89 29.02 21.94 6.48
N ALA A 90 30.33 22.02 6.72
CA ALA A 90 30.82 22.63 7.95
C ALA A 90 30.34 24.08 8.05
N GLY A 91 29.78 24.44 9.21
CA GLY A 91 29.29 25.79 9.39
C GLY A 91 27.78 25.87 9.21
N GLN A 92 27.23 24.87 8.52
CA GLN A 92 25.79 24.80 8.28
C GLN A 92 25.18 23.81 9.27
N PRO A 93 23.89 23.98 9.63
CA PRO A 93 22.96 25.03 9.18
C PRO A 93 23.23 26.34 9.90
N ASP A 94 23.13 27.46 9.18
CA ASP A 94 23.42 28.75 9.80
C ASP A 94 22.21 29.66 10.01
N ASN A 95 21.05 29.23 9.52
CA ASN A 95 19.80 30.00 9.65
C ASN A 95 20.02 31.46 9.25
N TRP A 96 20.72 31.66 8.14
CA TRP A 96 21.03 32.99 7.63
C TRP A 96 19.79 33.87 7.51
N GLY A 97 19.91 35.11 7.99
CA GLY A 97 18.81 36.05 7.91
C GLY A 97 17.73 35.96 8.97
N SER A 98 17.99 35.20 10.03
CA SER A 98 17.00 35.04 11.10
C SER A 98 16.66 36.37 11.76
N GLY A 99 17.53 37.35 11.62
CA GLY A 99 17.30 38.64 12.23
C GLY A 99 16.15 39.42 11.63
N HIS A 100 15.79 39.12 10.39
CA HIS A 100 14.71 39.84 9.72
C HIS A 100 13.58 38.94 9.25
N GLY A 101 13.62 37.68 9.64
CA GLY A 101 12.57 36.74 9.24
C GLY A 101 12.72 35.39 9.91
N PRO A 102 12.13 34.32 9.34
CA PRO A 102 12.21 32.98 9.90
C PRO A 102 13.54 32.27 9.65
N GLY A 103 14.42 32.90 8.88
CA GLY A 103 15.71 32.33 8.60
C GLY A 103 15.68 31.29 7.49
N GLU A 104 16.39 30.19 7.70
CA GLU A 104 16.46 29.09 6.72
C GLU A 104 15.97 27.84 7.42
N ASP A 105 14.84 27.32 6.96
CA ASP A 105 14.26 26.15 7.59
C ASP A 105 14.02 24.96 6.66
N CYS A 106 14.61 25.02 5.47
CA CYS A 106 14.46 23.97 4.48
C CYS A 106 15.84 23.48 4.03
N ALA A 107 16.03 22.17 3.93
CA ALA A 107 17.33 21.63 3.56
C ALA A 107 17.44 21.21 2.10
N GLY A 108 18.67 21.30 1.58
CA GLY A 108 18.95 20.93 0.21
C GLY A 108 20.40 20.54 0.00
N LEU A 109 20.65 19.83 -1.10
CA LEU A 109 22.00 19.37 -1.44
C LEU A 109 22.74 20.41 -2.29
N ILE A 110 23.96 20.75 -1.89
CA ILE A 110 24.76 21.70 -2.65
C ILE A 110 26.01 21.00 -3.19
N TYR A 111 27.12 21.73 -3.32
CA TYR A 111 28.33 21.12 -3.88
C TYR A 111 28.76 19.85 -3.16
N ALA A 112 29.22 18.88 -3.94
CA ALA A 112 29.70 17.62 -3.39
C ALA A 112 28.64 16.85 -2.60
N GLY A 113 27.38 17.25 -2.76
CA GLY A 113 26.32 16.56 -2.04
C GLY A 113 26.10 17.01 -0.59
N GLN A 114 26.92 17.92 -0.08
CA GLN A 114 26.73 18.36 1.29
C GLN A 114 25.41 19.09 1.47
N TRP A 115 24.93 19.16 2.72
CA TRP A 115 23.65 19.81 2.98
C TRP A 115 23.80 21.25 3.44
N ASN A 116 22.81 22.04 3.08
CA ASN A 116 22.76 23.44 3.45
C ASN A 116 21.32 23.82 3.71
N ASP A 117 21.10 24.75 4.62
CA ASP A 117 19.75 25.20 4.92
C ASP A 117 19.48 26.44 4.07
N PHE A 118 18.33 26.47 3.41
CA PHE A 118 17.94 27.60 2.57
C PHE A 118 16.63 28.19 3.09
N GLN A 119 16.31 29.39 2.62
CA GLN A 119 15.05 30.04 2.99
C GLN A 119 14.10 29.20 2.13
N CYS A 120 12.95 28.82 2.67
CA CYS A 120 12.05 27.97 1.91
C CYS A 120 11.46 28.52 0.63
N ASP A 121 11.69 29.80 0.34
CA ASP A 121 11.15 30.40 -0.87
C ASP A 121 12.17 30.41 -2.01
N GLU A 122 13.30 29.75 -1.79
CA GLU A 122 14.36 29.66 -2.80
C GLU A 122 13.93 28.64 -3.86
N ILE A 123 14.19 28.96 -5.13
CA ILE A 123 13.84 28.05 -6.22
C ILE A 123 14.98 27.06 -6.45
N ASN A 124 14.74 25.79 -6.15
CA ASN A 124 15.72 24.71 -6.31
C ASN A 124 15.14 23.52 -7.06
N ASN A 125 16.01 22.62 -7.52
CA ASN A 125 15.55 21.39 -8.15
C ASN A 125 15.22 20.55 -6.93
N PHE A 126 14.81 19.30 -7.12
CA PHE A 126 14.47 18.48 -5.97
C PHE A 126 14.56 16.99 -6.27
N ILE A 127 14.36 16.18 -5.24
CA ILE A 127 14.44 14.73 -5.41
C ILE A 127 13.26 14.05 -4.72
N CYS A 128 12.53 13.23 -5.45
CA CYS A 128 11.41 12.48 -4.90
C CYS A 128 11.84 11.05 -4.65
N GLU A 129 11.22 10.41 -3.66
CA GLU A 129 11.54 9.04 -3.34
C GLU A 129 10.27 8.23 -3.07
N LYS A 130 10.28 6.99 -3.52
CA LYS A 130 9.13 6.13 -3.28
C LYS A 130 9.50 4.66 -3.43
N GLU A 131 8.57 3.79 -3.08
CA GLU A 131 8.79 2.36 -3.15
C GLU A 131 8.59 1.79 -4.54
N ARG A 132 9.44 0.85 -4.91
CA ARG A 132 9.31 0.22 -6.21
C ARG A 132 8.15 -0.74 -6.08
N GLU A 133 7.24 -0.76 -7.06
CA GLU A 133 6.11 -1.68 -6.99
C GLU A 133 6.11 -2.63 -8.17
N CYS B 5 -17.29 13.14 -3.56
CA CYS B 5 -17.27 13.11 -2.07
C CYS B 5 -17.18 14.54 -1.52
N PRO B 6 -17.52 14.73 -0.24
CA PRO B 6 -17.45 16.07 0.37
C PRO B 6 -16.10 16.68 0.04
N PRO B 7 -16.03 18.01 0.01
CA PRO B 7 -14.75 18.67 -0.30
C PRO B 7 -13.63 18.21 0.63
N HIS B 8 -12.45 18.01 0.04
CA HIS B 8 -11.28 17.58 0.79
C HIS B 8 -11.25 16.08 1.09
N TRP B 9 -12.31 15.37 0.76
CA TRP B 9 -12.34 13.91 0.98
C TRP B 9 -11.94 13.25 -0.35
N LYS B 10 -11.23 12.14 -0.27
CA LYS B 10 -10.82 11.43 -1.49
C LYS B 10 -11.70 10.21 -1.72
N ASN B 11 -11.95 9.89 -2.98
CA ASN B 11 -12.81 8.74 -3.25
C ASN B 11 -12.08 7.50 -3.74
N PHE B 12 -12.53 6.34 -3.27
CA PHE B 12 -11.98 5.05 -3.68
C PHE B 12 -13.18 4.10 -3.68
N THR B 13 -13.49 3.60 -4.87
CA THR B 13 -14.63 2.74 -5.11
C THR B 13 -15.89 3.46 -4.62
N ASP B 14 -16.68 2.86 -3.74
CA ASP B 14 -17.89 3.52 -3.28
C ASP B 14 -17.70 4.14 -1.89
N LYS B 15 -16.47 4.53 -1.58
CA LYS B 15 -16.19 5.12 -0.28
C LYS B 15 -15.47 6.46 -0.40
N CYS B 16 -15.53 7.24 0.68
CA CYS B 16 -14.89 8.55 0.77
C CYS B 16 -13.95 8.52 1.96
N TYR B 17 -12.76 9.08 1.81
CA TYR B 17 -11.78 9.08 2.89
C TYR B 17 -11.22 10.47 3.16
N TYR B 18 -10.99 10.75 4.44
CA TYR B 18 -10.45 12.03 4.85
C TYR B 18 -9.09 11.86 5.50
N PHE B 19 -8.07 12.44 4.89
CA PHE B 19 -6.72 12.37 5.43
C PHE B 19 -6.56 13.70 6.16
N SER B 20 -6.80 13.66 7.45
CA SER B 20 -6.79 14.87 8.28
C SER B 20 -5.58 15.79 8.23
N LEU B 21 -5.84 17.06 8.47
CA LEU B 21 -4.79 18.07 8.56
C LEU B 21 -4.58 18.17 10.06
N GLU B 22 -5.65 17.84 10.78
CA GLU B 22 -5.67 17.89 12.24
C GLU B 22 -4.84 16.79 12.89
N LYS B 23 -4.35 17.07 14.09
CA LYS B 23 -3.56 16.11 14.87
C LYS B 23 -4.25 16.00 16.22
N GLU B 24 -4.49 14.77 16.66
CA GLU B 24 -5.19 14.58 17.92
C GLU B 24 -4.82 13.24 18.54
N ILE B 25 -5.27 13.03 19.78
CA ILE B 25 -5.05 11.76 20.45
C ILE B 25 -6.14 10.86 19.86
N PHE B 26 -6.00 9.55 20.00
CA PHE B 26 -6.98 8.62 19.44
C PHE B 26 -8.42 9.00 19.78
N GLU B 27 -8.66 9.20 21.08
CA GLU B 27 -10.00 9.56 21.57
C GLU B 27 -10.65 10.64 20.72
N ASP B 28 -9.99 11.78 20.65
CA ASP B 28 -10.48 12.92 19.89
C ASP B 28 -10.60 12.65 18.39
N ALA B 29 -9.64 11.93 17.83
CA ALA B 29 -9.69 11.62 16.41
C ALA B 29 -10.93 10.80 16.16
N LYS B 30 -11.19 9.85 17.05
CA LYS B 30 -12.37 9.00 16.92
C LYS B 30 -13.66 9.80 16.90
N LEU B 31 -13.83 10.68 17.87
CA LEU B 31 -15.03 11.50 17.94
C LEU B 31 -15.11 12.44 16.74
N PHE B 32 -13.96 12.87 16.25
CA PHE B 32 -13.93 13.77 15.11
C PHE B 32 -14.66 13.13 13.92
N CYS B 33 -14.25 11.92 13.56
CA CYS B 33 -14.86 11.22 12.43
C CYS B 33 -16.36 11.03 12.63
N GLU B 34 -16.76 10.69 13.85
CA GLU B 34 -18.17 10.50 14.16
C GLU B 34 -18.96 11.77 13.87
N ASP B 35 -18.35 12.92 14.18
CA ASP B 35 -18.99 14.20 13.94
C ASP B 35 -19.27 14.40 12.45
N LYS B 36 -18.46 13.74 11.61
CA LYS B 36 -18.62 13.86 10.17
C LYS B 36 -19.40 12.69 9.57
N SER B 37 -20.13 11.96 10.42
CA SER B 37 -20.90 10.81 9.97
C SER B 37 -20.00 9.72 9.38
N SER B 38 -18.84 9.56 9.97
CA SER B 38 -17.88 8.56 9.52
C SER B 38 -17.21 7.88 10.70
N HIS B 39 -16.17 7.11 10.43
CA HIS B 39 -15.44 6.40 11.48
C HIS B 39 -13.97 6.28 11.09
N LEU B 40 -13.09 6.23 12.09
CA LEU B 40 -11.68 6.06 11.78
C LEU B 40 -11.68 4.88 10.82
N VAL B 41 -10.91 5.01 9.75
CA VAL B 41 -10.86 4.02 8.70
C VAL B 41 -10.71 2.55 9.12
N PHE B 42 -11.43 1.69 8.41
CA PHE B 42 -11.37 0.23 8.62
C PHE B 42 -10.72 -0.30 7.35
N ILE B 43 -9.56 -0.92 7.49
CA ILE B 43 -8.84 -1.46 6.36
C ILE B 43 -9.09 -2.96 6.26
N ASN B 44 -10.07 -3.33 5.43
CA ASN B 44 -10.48 -4.71 5.26
C ASN B 44 -9.99 -5.47 4.03
N SER B 45 -9.05 -4.91 3.28
CA SER B 45 -8.57 -5.60 2.09
C SER B 45 -7.25 -5.02 1.63
N ARG B 46 -6.47 -5.84 0.93
CA ARG B 46 -5.19 -5.38 0.44
C ARG B 46 -5.37 -4.26 -0.58
N GLU B 47 -6.45 -4.30 -1.34
CA GLU B 47 -6.71 -3.24 -2.33
C GLU B 47 -6.88 -1.90 -1.64
N GLU B 48 -7.75 -1.87 -0.63
CA GLU B 48 -8.03 -0.65 0.10
C GLU B 48 -6.75 -0.10 0.72
N GLN B 49 -5.98 -0.99 1.34
CA GLN B 49 -4.70 -0.66 1.97
C GLN B 49 -3.72 -0.07 0.97
N GLN B 50 -3.66 -0.65 -0.22
CA GLN B 50 -2.77 -0.16 -1.27
C GLN B 50 -3.09 1.26 -1.69
N TRP B 51 -4.36 1.58 -1.82
CA TRP B 51 -4.76 2.92 -2.22
C TRP B 51 -4.44 3.89 -1.07
N ILE B 52 -4.76 3.48 0.14
CA ILE B 52 -4.51 4.30 1.31
C ILE B 52 -3.02 4.67 1.36
N LYS B 53 -2.19 3.71 0.97
CA LYS B 53 -0.74 3.92 0.96
C LYS B 53 -0.34 5.10 0.07
N LYS B 54 -0.97 5.22 -1.10
CA LYS B 54 -0.66 6.31 -2.04
C LYS B 54 -0.89 7.70 -1.49
N HIS B 55 -1.75 7.79 -0.47
CA HIS B 55 -2.07 9.09 0.11
C HIS B 55 -1.43 9.40 1.45
N THR B 56 -0.70 8.44 2.00
CA THR B 56 -0.04 8.65 3.30
C THR B 56 1.47 8.56 3.14
N VAL B 57 1.91 8.31 1.92
CA VAL B 57 3.33 8.20 1.65
C VAL B 57 4.06 9.44 2.13
N GLY B 58 5.12 9.22 2.89
CA GLY B 58 5.95 10.29 3.40
C GLY B 58 5.37 11.22 4.45
N ARG B 59 4.14 10.97 4.88
CA ARG B 59 3.54 11.84 5.89
C ARG B 59 3.71 11.26 7.29
N GLU B 60 3.27 12.00 8.30
CA GLU B 60 3.38 11.53 9.66
C GLU B 60 2.37 10.41 9.89
N SER B 61 2.56 9.65 10.95
CA SER B 61 1.66 8.54 11.26
C SER B 61 0.19 8.94 11.28
N HIS B 62 -0.66 8.03 10.78
CA HIS B 62 -2.11 8.24 10.74
C HIS B 62 -2.88 7.20 11.56
N TRP B 63 -3.75 7.66 12.45
CA TRP B 63 -4.59 6.77 13.26
C TRP B 63 -5.55 6.03 12.32
N ILE B 64 -5.83 4.76 12.61
CA ILE B 64 -6.84 4.00 11.85
C ILE B 64 -7.79 3.45 12.92
N GLY B 65 -9.00 3.06 12.54
CA GLY B 65 -9.97 2.57 13.52
C GLY B 65 -9.77 1.18 14.10
N LEU B 66 -8.60 0.94 14.68
CA LEU B 66 -8.27 -0.36 15.23
C LEU B 66 -7.69 -0.22 16.63
N THR B 67 -8.16 -1.05 17.56
CA THR B 67 -7.68 -0.99 18.95
C THR B 67 -7.87 -2.32 19.70
N ASP B 68 -7.05 -2.52 20.72
CA ASP B 68 -7.16 -3.71 21.57
C ASP B 68 -7.34 -3.21 23.01
N SER B 69 -7.89 -2.00 23.13
CA SER B 69 -8.13 -1.36 24.42
C SER B 69 -9.02 -2.17 25.35
N GLU B 70 -10.08 -2.75 24.81
CA GLU B 70 -11.00 -3.53 25.62
C GLU B 70 -10.27 -4.68 26.29
N GLN B 71 -9.63 -5.53 25.48
CA GLN B 71 -8.88 -6.67 26.00
C GLN B 71 -7.54 -6.80 25.27
N GLU B 72 -6.47 -6.51 26.00
CA GLU B 72 -5.12 -6.55 25.46
C GLU B 72 -4.87 -7.75 24.52
N SER B 73 -4.32 -7.43 23.36
CA SER B 73 -3.97 -8.44 22.35
C SER B 73 -5.13 -8.91 21.46
N GLU B 74 -6.33 -8.46 21.75
CA GLU B 74 -7.47 -8.84 20.92
C GLU B 74 -7.88 -7.62 20.10
N TRP B 75 -7.27 -7.48 18.93
CA TRP B 75 -7.53 -6.35 18.06
C TRP B 75 -8.82 -6.46 17.26
N LYS B 76 -9.55 -5.34 17.20
CA LYS B 76 -10.82 -5.26 16.49
C LYS B 76 -11.04 -3.85 15.96
N TRP B 77 -11.85 -3.72 14.93
CA TRP B 77 -12.15 -2.42 14.38
C TRP B 77 -13.19 -1.80 15.32
N LEU B 78 -13.38 -0.49 15.23
CA LEU B 78 -14.33 0.17 16.12
C LEU B 78 -15.75 -0.36 16.02
N ASP B 79 -16.10 -1.03 14.93
CA ASP B 79 -17.45 -1.57 14.77
C ASP B 79 -17.61 -2.90 15.53
N GLY B 80 -16.53 -3.37 16.13
CA GLY B 80 -16.56 -4.61 16.87
C GLY B 80 -16.00 -5.79 16.10
N SER B 81 -15.87 -5.63 14.80
CA SER B 81 -15.36 -6.68 13.93
C SER B 81 -13.91 -7.03 14.18
N PRO B 82 -13.61 -8.33 14.28
CA PRO B 82 -12.24 -8.81 14.51
C PRO B 82 -11.38 -8.55 13.28
N VAL B 83 -10.07 -8.55 13.47
CA VAL B 83 -9.14 -8.30 12.36
C VAL B 83 -8.99 -9.50 11.44
N ASP B 84 -9.26 -9.30 10.15
CA ASP B 84 -9.11 -10.35 9.15
C ASP B 84 -7.88 -9.95 8.35
N TYR B 85 -8.02 -8.96 7.49
CA TYR B 85 -6.87 -8.47 6.72
C TYR B 85 -6.01 -7.71 7.74
N LYS B 86 -4.72 -7.95 7.73
CA LYS B 86 -3.80 -7.29 8.65
C LYS B 86 -2.52 -6.93 7.92
N ASN B 87 -1.91 -5.84 8.37
CA ASN B 87 -0.70 -5.36 7.75
C ASN B 87 0.28 -4.78 8.74
N TRP B 88 0.47 -5.48 9.86
CA TRP B 88 1.39 -5.06 10.91
C TRP B 88 2.86 -5.09 10.46
N LYS B 89 3.64 -4.10 10.88
CA LYS B 89 5.06 -4.08 10.57
C LYS B 89 5.65 -5.29 11.31
N ALA B 90 6.70 -5.88 10.77
CA ALA B 90 7.30 -7.05 11.41
C ALA B 90 7.65 -6.71 12.85
N GLY B 91 7.15 -7.51 13.79
CA GLY B 91 7.46 -7.27 15.19
C GLY B 91 6.41 -6.48 15.95
N GLN B 92 5.35 -6.04 15.27
CA GLN B 92 4.28 -5.28 15.90
C GLN B 92 3.01 -6.09 15.77
N PRO B 93 2.01 -5.87 16.66
CA PRO B 93 2.01 -4.91 17.77
C PRO B 93 2.86 -5.41 18.93
N ASP B 94 3.66 -4.53 19.51
CA ASP B 94 4.52 -4.93 20.61
C ASP B 94 4.02 -4.44 21.97
N ASN B 95 2.87 -3.76 21.96
CA ASN B 95 2.27 -3.23 23.18
C ASN B 95 3.39 -2.63 24.04
N TRP B 96 4.18 -1.75 23.45
CA TRP B 96 5.29 -1.11 24.15
C TRP B 96 4.81 -0.21 25.28
N PRO B 102 -0.80 0.65 30.62
CA PRO B 102 -1.76 0.21 29.59
C PRO B 102 -1.11 -0.18 28.27
N GLY B 103 0.12 0.31 28.05
CA GLY B 103 0.83 -0.01 26.83
C GLY B 103 0.36 0.76 25.62
N GLU B 104 0.25 0.08 24.48
CA GLU B 104 -0.19 0.73 23.25
C GLU B 104 -1.38 -0.05 22.73
N ASP B 105 -2.56 0.56 22.77
CA ASP B 105 -3.76 -0.12 22.31
C ASP B 105 -4.46 0.54 21.13
N CYS B 106 -3.76 1.43 20.43
CA CYS B 106 -4.31 2.13 19.28
C CYS B 106 -3.36 2.05 18.08
N ALA B 107 -3.84 1.46 16.98
CA ALA B 107 -3.04 1.27 15.78
C ALA B 107 -2.99 2.46 14.83
N GLY B 108 -1.88 2.59 14.11
CA GLY B 108 -1.72 3.70 13.19
C GLY B 108 -0.80 3.29 12.05
N LEU B 109 -0.87 4.01 10.94
CA LEU B 109 -0.03 3.70 9.78
C LEU B 109 1.34 4.35 9.92
N ILE B 110 2.38 3.63 9.53
CA ILE B 110 3.73 4.17 9.57
C ILE B 110 4.36 3.92 8.19
N TYR B 111 5.68 3.98 8.10
CA TYR B 111 6.35 3.77 6.81
C TYR B 111 5.79 2.58 6.03
N ALA B 112 5.68 2.75 4.72
CA ALA B 112 5.19 1.71 3.81
C ALA B 112 3.74 1.31 4.03
N GLY B 113 3.03 2.07 4.86
CA GLY B 113 1.63 1.76 5.11
C GLY B 113 1.39 0.63 6.08
N GLN B 114 2.46 0.09 6.68
CA GLN B 114 2.31 -1.00 7.62
C GLN B 114 1.76 -0.44 8.94
N TRP B 115 1.22 -1.30 9.79
CA TRP B 115 0.65 -0.82 11.04
C TRP B 115 1.51 -0.97 12.28
N ASN B 116 1.34 -0.06 13.22
CA ASN B 116 2.08 -0.07 14.48
C ASN B 116 1.11 0.31 15.59
N ASP B 117 1.27 -0.29 16.76
CA ASP B 117 0.40 0.09 17.87
C ASP B 117 1.08 1.21 18.64
N PHE B 118 0.29 2.23 19.00
CA PHE B 118 0.78 3.39 19.72
C PHE B 118 0.03 3.63 21.01
N GLN B 119 0.66 4.41 21.88
CA GLN B 119 0.07 4.83 23.14
C GLN B 119 -1.11 5.67 22.63
N CYS B 120 -2.30 5.40 23.13
CA CYS B 120 -3.47 6.13 22.65
C CYS B 120 -3.48 7.63 22.96
N ASP B 121 -2.52 8.11 23.74
CA ASP B 121 -2.48 9.54 24.05
C ASP B 121 -1.55 10.27 23.08
N GLU B 122 -0.99 9.54 22.13
CA GLU B 122 -0.09 10.14 21.15
C GLU B 122 -0.88 11.05 20.22
N ILE B 123 -0.23 12.09 19.70
CA ILE B 123 -0.92 13.00 18.80
C ILE B 123 -0.55 12.62 17.37
N ASN B 124 -1.55 12.15 16.62
CA ASN B 124 -1.34 11.73 15.23
C ASN B 124 -2.43 12.25 14.31
N ASN B 125 -2.13 12.28 13.01
CA ASN B 125 -3.13 12.66 12.03
C ASN B 125 -4.02 11.41 12.01
N PHE B 126 -5.10 11.43 11.25
CA PHE B 126 -5.96 10.25 11.20
C PHE B 126 -6.68 10.18 9.88
N ILE B 127 -7.39 9.09 9.66
CA ILE B 127 -8.11 8.90 8.41
C ILE B 127 -9.53 8.47 8.71
N CYS B 128 -10.49 9.21 8.17
CA CYS B 128 -11.90 8.89 8.39
C CYS B 128 -12.45 8.24 7.13
N GLU B 129 -13.40 7.34 7.30
CA GLU B 129 -14.01 6.64 6.18
C GLU B 129 -15.53 6.61 6.28
N LYS B 130 -16.20 6.70 5.14
CA LYS B 130 -17.65 6.64 5.10
C LYS B 130 -18.13 6.36 3.69
N GLU B 131 -19.38 5.87 3.59
CA GLU B 131 -19.97 5.57 2.29
C GLU B 131 -20.18 6.85 1.51
N ARG B 132 -19.96 6.78 0.21
CA ARG B 132 -20.16 7.93 -0.65
C ARG B 132 -21.65 8.14 -0.83
N GLU B 133 -22.09 9.39 -0.80
CA GLU B 133 -23.50 9.69 -0.97
C GLU B 133 -23.72 10.28 -2.36
N ALA B 134 -24.98 10.37 -2.78
CA ALA B 134 -25.33 10.92 -4.08
C ALA B 134 -24.74 12.31 -4.25
N VAL B 135 -24.52 12.71 -5.50
CA VAL B 135 -24.00 14.05 -5.78
C VAL B 135 -25.07 15.02 -5.27
N PRO B 136 -24.69 15.96 -4.38
CA PRO B 136 -25.65 16.93 -3.85
C PRO B 136 -26.31 17.82 -4.90
N CYS C 5 25.33 0.53 14.29
CA CYS C 5 24.80 -0.84 14.57
C CYS C 5 25.48 -1.46 15.77
N PRO C 6 24.74 -2.26 16.56
CA PRO C 6 25.28 -2.93 17.75
C PRO C 6 26.36 -3.94 17.38
N PRO C 7 27.21 -4.31 18.35
CA PRO C 7 28.26 -5.28 18.03
C PRO C 7 27.66 -6.61 17.57
N HIS C 8 28.35 -7.29 16.66
CA HIS C 8 27.91 -8.56 16.08
C HIS C 8 26.94 -8.34 14.92
N TRP C 9 26.64 -7.08 14.64
CA TRP C 9 25.73 -6.76 13.54
C TRP C 9 26.47 -6.01 12.43
N LYS C 10 26.09 -6.29 11.18
CA LYS C 10 26.70 -5.66 10.01
C LYS C 10 25.77 -4.56 9.49
N ASN C 11 26.35 -3.45 9.04
CA ASN C 11 25.54 -2.35 8.54
C ASN C 11 25.53 -2.20 7.03
N PHE C 12 24.33 -1.98 6.49
CA PHE C 12 24.11 -1.78 5.07
C PHE C 12 23.01 -0.71 5.01
N THR C 13 23.27 0.37 4.29
CA THR C 13 22.33 1.48 4.19
C THR C 13 21.85 1.82 5.62
N ASP C 14 20.55 1.89 5.86
CA ASP C 14 20.09 2.21 7.21
C ASP C 14 19.63 1.00 8.01
N LYS C 15 20.06 -0.19 7.59
CA LYS C 15 19.70 -1.44 8.25
C LYS C 15 20.91 -2.11 8.94
N CYS C 16 20.62 -2.91 9.96
CA CYS C 16 21.67 -3.63 10.68
C CYS C 16 21.37 -5.11 10.47
N TYR C 17 22.40 -5.88 10.15
CA TYR C 17 22.22 -7.31 9.88
C TYR C 17 23.06 -8.23 10.76
N TYR C 18 22.45 -9.32 11.21
CA TYR C 18 23.15 -10.28 12.04
C TYR C 18 23.31 -11.60 11.29
N PHE C 19 24.55 -11.98 11.04
CA PHE C 19 24.84 -13.24 10.36
C PHE C 19 25.22 -14.23 11.46
N SER C 20 24.21 -14.98 11.90
CA SER C 20 24.36 -15.95 12.97
C SER C 20 25.45 -16.98 12.83
N LEU C 21 25.86 -17.50 13.98
CA LEU C 21 26.84 -18.57 14.08
C LEU C 21 25.96 -19.71 14.57
N GLU C 22 24.77 -19.34 15.04
CA GLU C 22 23.78 -20.29 15.55
C GLU C 22 23.11 -21.01 14.38
N LYS C 23 22.79 -22.29 14.59
CA LYS C 23 22.14 -23.09 13.57
C LYS C 23 20.83 -23.64 14.14
N GLU C 24 19.71 -23.12 13.67
CA GLU C 24 18.41 -23.54 14.16
C GLU C 24 17.51 -23.91 12.99
N ILE C 25 16.34 -24.48 13.29
CA ILE C 25 15.38 -24.82 12.25
C ILE C 25 14.64 -23.50 11.98
N PHE C 26 13.80 -23.46 10.96
CA PHE C 26 13.12 -22.21 10.62
C PHE C 26 12.44 -21.54 11.80
N GLU C 27 11.52 -22.26 12.43
CA GLU C 27 10.77 -21.77 13.58
C GLU C 27 11.65 -21.06 14.61
N ASP C 28 12.70 -21.74 15.05
CA ASP C 28 13.61 -21.20 16.06
C ASP C 28 14.37 -19.96 15.61
N ALA C 29 14.90 -20.00 14.39
CA ALA C 29 15.63 -18.85 13.86
C ALA C 29 14.67 -17.66 13.83
N LYS C 30 13.45 -17.92 13.39
CA LYS C 30 12.43 -16.87 13.32
C LYS C 30 12.24 -16.24 14.70
N LEU C 31 12.19 -17.06 15.74
CA LEU C 31 12.02 -16.56 17.10
C LEU C 31 13.29 -15.91 17.62
N PHE C 32 14.44 -16.38 17.16
CA PHE C 32 15.71 -15.81 17.60
C PHE C 32 15.71 -14.33 17.23
N CYS C 33 15.49 -14.03 15.96
CA CYS C 33 15.48 -12.65 15.49
C CYS C 33 14.41 -11.79 16.18
N GLU C 34 13.22 -12.36 16.38
CA GLU C 34 12.15 -11.63 17.04
C GLU C 34 12.59 -11.21 18.43
N ASP C 35 13.40 -12.07 19.07
CA ASP C 35 13.92 -11.80 20.41
C ASP C 35 14.88 -10.60 20.40
N LYS C 36 15.55 -10.42 19.26
CA LYS C 36 16.51 -9.33 19.09
C LYS C 36 15.81 -8.10 18.49
N SER C 37 14.48 -8.11 18.47
CA SER C 37 13.71 -7.01 17.91
C SER C 37 14.05 -6.86 16.42
N SER C 38 14.15 -8.00 15.75
CA SER C 38 14.47 -8.04 14.33
C SER C 38 13.66 -9.16 13.69
N HIS C 39 13.87 -9.39 12.40
CA HIS C 39 13.13 -10.44 11.70
C HIS C 39 14.02 -11.14 10.68
N LEU C 40 13.73 -12.39 10.35
CA LEU C 40 14.55 -13.05 9.35
C LEU C 40 14.60 -12.10 8.16
N VAL C 41 15.78 -11.95 7.58
CA VAL C 41 16.00 -11.04 6.48
C VAL C 41 15.00 -11.07 5.32
N PHE C 42 14.64 -9.88 4.88
CA PHE C 42 13.76 -9.70 3.73
C PHE C 42 14.72 -9.10 2.70
N ILE C 43 14.98 -9.84 1.64
CA ILE C 43 15.88 -9.38 0.58
C ILE C 43 15.01 -8.74 -0.50
N ASN C 44 15.05 -7.41 -0.54
CA ASN C 44 14.19 -6.68 -1.46
C ASN C 44 14.86 -6.03 -2.67
N SER C 45 16.12 -6.35 -2.94
CA SER C 45 16.79 -5.76 -4.10
C SER C 45 18.11 -6.46 -4.42
N ARG C 46 18.61 -6.25 -5.63
CA ARG C 46 19.86 -6.86 -6.05
C ARG C 46 21.02 -6.36 -5.19
N GLU C 47 20.98 -5.07 -4.81
CA GLU C 47 22.04 -4.49 -3.99
C GLU C 47 22.08 -5.08 -2.59
N GLU C 48 20.91 -5.37 -2.02
CA GLU C 48 20.86 -5.96 -0.68
C GLU C 48 21.35 -7.39 -0.83
N GLN C 49 20.89 -8.05 -1.90
CA GLN C 49 21.28 -9.42 -2.16
C GLN C 49 22.79 -9.58 -2.28
N GLN C 50 23.41 -8.81 -3.18
CA GLN C 50 24.85 -8.88 -3.40
C GLN C 50 25.65 -8.67 -2.13
N TRP C 51 25.27 -7.66 -1.34
CA TRP C 51 25.97 -7.33 -0.10
C TRP C 51 25.80 -8.45 0.92
N ILE C 52 24.74 -9.24 0.76
CA ILE C 52 24.50 -10.36 1.66
C ILE C 52 25.38 -11.51 1.20
N LYS C 53 25.32 -11.79 -0.10
CA LYS C 53 26.11 -12.86 -0.70
C LYS C 53 27.56 -12.75 -0.25
N LYS C 54 27.98 -11.53 0.06
CA LYS C 54 29.34 -11.24 0.49
C LYS C 54 29.71 -11.85 1.84
N HIS C 55 28.76 -11.82 2.79
CA HIS C 55 29.03 -12.36 4.12
C HIS C 55 28.50 -13.78 4.32
N THR C 56 27.99 -14.38 3.25
CA THR C 56 27.48 -15.74 3.33
C THR C 56 28.15 -16.63 2.29
N VAL C 57 29.30 -16.16 1.81
CA VAL C 57 30.10 -16.87 0.81
C VAL C 57 30.07 -18.39 1.01
N GLY C 58 30.16 -19.13 -0.08
CA GLY C 58 30.14 -20.58 -0.02
C GLY C 58 30.49 -21.20 1.32
N ARG C 59 29.49 -21.34 2.17
CA ARG C 59 29.67 -21.90 3.50
C ARG C 59 28.45 -22.78 3.82
N GLU C 60 27.61 -22.28 4.71
CA GLU C 60 26.39 -22.97 5.10
C GLU C 60 25.24 -22.20 4.48
N SER C 61 24.04 -22.75 4.55
CA SER C 61 22.86 -22.09 4.00
C SER C 61 22.27 -21.18 5.06
N HIS C 62 21.74 -20.03 4.64
CA HIS C 62 21.14 -19.10 5.57
C HIS C 62 19.65 -18.92 5.33
N TRP C 63 18.87 -19.11 6.39
CA TRP C 63 17.42 -18.95 6.32
C TRP C 63 17.13 -17.50 5.99
N ILE C 64 16.05 -17.26 5.25
CA ILE C 64 15.62 -15.91 4.95
C ILE C 64 14.13 -15.89 5.26
N GLY C 65 13.58 -14.71 5.55
CA GLY C 65 12.16 -14.65 5.90
C GLY C 65 11.16 -14.84 4.79
N LEU C 66 11.24 -15.94 4.06
CA LEU C 66 10.32 -16.20 2.95
C LEU C 66 9.75 -17.60 3.04
N THR C 67 8.43 -17.74 2.90
CA THR C 67 7.78 -19.04 2.96
C THR C 67 6.51 -19.10 2.13
N ASP C 68 6.09 -20.31 1.75
CA ASP C 68 4.85 -20.49 0.99
C ASP C 68 4.00 -21.56 1.68
N SER C 69 4.17 -21.68 2.99
CA SER C 69 3.43 -22.66 3.77
C SER C 69 1.94 -22.34 3.79
N GLU C 70 1.61 -21.07 3.96
CA GLU C 70 0.21 -20.65 3.98
C GLU C 70 -0.54 -21.15 2.75
N GLN C 71 0.06 -20.94 1.59
CA GLN C 71 -0.54 -21.37 0.32
C GLN C 71 0.59 -21.75 -0.62
N GLU C 72 0.79 -23.05 -0.81
CA GLU C 72 1.87 -23.55 -1.67
C GLU C 72 1.93 -22.83 -3.01
N SER C 73 3.16 -22.47 -3.41
CA SER C 73 3.45 -21.78 -4.67
C SER C 73 3.42 -20.25 -4.52
N GLU C 74 2.74 -19.77 -3.48
CA GLU C 74 2.66 -18.33 -3.25
C GLU C 74 3.62 -17.94 -2.12
N TRP C 75 4.80 -17.47 -2.50
CA TRP C 75 5.79 -17.06 -1.52
C TRP C 75 5.62 -15.62 -1.08
N LYS C 76 5.75 -15.40 0.22
CA LYS C 76 5.60 -14.07 0.80
C LYS C 76 6.59 -13.90 1.94
N TRP C 77 7.10 -12.70 2.14
CA TRP C 77 8.02 -12.45 3.23
C TRP C 77 7.19 -12.61 4.51
N LEU C 78 7.87 -12.78 5.64
CA LEU C 78 7.17 -12.98 6.90
C LEU C 78 6.10 -11.94 7.27
N ASP C 79 6.33 -10.68 6.93
CA ASP C 79 5.37 -9.62 7.26
C ASP C 79 4.23 -9.57 6.26
N GLY C 80 4.12 -10.62 5.43
CA GLY C 80 3.07 -10.67 4.44
C GLY C 80 3.40 -10.07 3.09
N SER C 81 4.45 -9.24 3.03
CA SER C 81 4.86 -8.62 1.78
C SER C 81 4.99 -9.63 0.65
N PRO C 82 4.48 -9.29 -0.55
CA PRO C 82 4.57 -10.19 -1.69
C PRO C 82 6.02 -10.17 -2.19
N VAL C 83 6.46 -11.28 -2.79
CA VAL C 83 7.83 -11.34 -3.29
C VAL C 83 7.99 -10.60 -4.60
N ASP C 84 8.53 -9.38 -4.52
CA ASP C 84 8.78 -8.56 -5.69
C ASP C 84 10.05 -9.10 -6.34
N TYR C 85 11.19 -8.71 -5.78
CA TYR C 85 12.48 -9.17 -6.27
C TYR C 85 12.60 -10.66 -5.96
N LYS C 86 13.11 -11.42 -6.91
CA LYS C 86 13.30 -12.87 -6.74
C LYS C 86 14.75 -13.23 -7.03
N ASN C 87 15.12 -14.46 -6.70
CA ASN C 87 16.48 -14.92 -6.96
C ASN C 87 16.57 -16.43 -6.81
N TRP C 88 15.51 -17.12 -7.20
CA TRP C 88 15.45 -18.58 -7.14
C TRP C 88 16.45 -19.17 -8.13
N LYS C 89 17.28 -20.08 -7.66
CA LYS C 89 18.22 -20.72 -8.58
C LYS C 89 17.32 -21.33 -9.64
N ALA C 90 17.81 -21.42 -10.88
CA ALA C 90 17.02 -21.99 -11.95
C ALA C 90 16.47 -23.35 -11.53
N GLY C 91 15.17 -23.56 -11.77
CA GLY C 91 14.55 -24.82 -11.41
C GLY C 91 13.87 -24.82 -10.05
N GLN C 92 14.11 -23.79 -9.25
CA GLN C 92 13.50 -23.69 -7.92
C GLN C 92 12.42 -22.62 -7.95
N PRO C 93 11.43 -22.71 -7.04
CA PRO C 93 11.21 -23.73 -6.00
C PRO C 93 10.71 -25.08 -6.50
N ASP C 94 11.41 -26.13 -6.09
CA ASP C 94 11.07 -27.50 -6.49
C ASP C 94 10.16 -28.24 -5.52
N ASN C 95 9.96 -27.69 -4.32
CA ASN C 95 9.11 -28.32 -3.31
C ASN C 95 9.47 -29.80 -3.21
N TRP C 96 10.77 -30.06 -3.03
CA TRP C 96 11.33 -31.40 -2.94
C TRP C 96 10.65 -32.29 -1.90
N GLY C 97 10.44 -33.56 -2.26
CA GLY C 97 9.81 -34.51 -1.35
C GLY C 97 8.37 -34.22 -0.99
N SER C 98 7.72 -33.35 -1.74
CA SER C 98 6.32 -33.00 -1.47
C SER C 98 5.39 -34.21 -1.59
N GLY C 99 5.96 -35.34 -1.99
CA GLY C 99 5.15 -36.54 -2.15
C GLY C 99 4.33 -36.86 -0.91
N HIS C 100 4.95 -36.74 0.25
CA HIS C 100 4.29 -37.03 1.51
C HIS C 100 3.99 -35.81 2.35
N GLY C 101 5.03 -35.26 2.97
CA GLY C 101 4.86 -34.10 3.82
C GLY C 101 4.44 -32.83 3.09
N PRO C 102 4.63 -31.66 3.72
CA PRO C 102 4.28 -30.35 3.17
C PRO C 102 5.29 -29.86 2.13
N GLY C 103 6.27 -30.70 1.82
CA GLY C 103 7.28 -30.35 0.86
C GLY C 103 8.31 -29.41 1.44
N GLU C 104 8.69 -28.40 0.66
CA GLU C 104 9.67 -27.41 1.10
C GLU C 104 8.96 -26.07 1.07
N ASP C 105 8.78 -25.48 2.25
CA ASP C 105 8.08 -24.21 2.36
C ASP C 105 8.86 -23.10 3.03
N CYS C 106 10.16 -23.29 3.20
CA CYS C 106 11.01 -22.28 3.82
C CYS C 106 12.21 -22.03 2.93
N ALA C 107 12.47 -20.77 2.62
CA ALA C 107 13.58 -20.41 1.74
C ALA C 107 14.86 -20.06 2.47
N GLY C 108 15.97 -20.29 1.78
CA GLY C 108 17.28 -20.02 2.35
C GLY C 108 18.29 -19.77 1.25
N LEU C 109 19.39 -19.13 1.60
CA LEU C 109 20.42 -18.83 0.63
C LEU C 109 21.36 -20.00 0.48
N ILE C 110 21.69 -20.31 -0.77
CA ILE C 110 22.61 -21.41 -1.06
C ILE C 110 23.81 -20.88 -1.84
N TYR C 111 24.29 -21.65 -2.82
CA TYR C 111 25.45 -21.28 -3.62
C TYR C 111 25.20 -20.02 -4.44
N ALA C 112 26.24 -19.19 -4.58
CA ALA C 112 26.17 -17.94 -5.33
C ALA C 112 25.14 -17.00 -4.71
N GLY C 113 24.64 -17.37 -3.53
CA GLY C 113 23.66 -16.56 -2.85
C GLY C 113 22.28 -16.71 -3.45
N GLN C 114 22.10 -17.74 -4.28
CA GLN C 114 20.80 -17.96 -4.88
C GLN C 114 19.84 -18.48 -3.82
N TRP C 115 18.57 -18.60 -4.18
CA TRP C 115 17.56 -19.07 -3.25
C TRP C 115 17.10 -20.49 -3.53
N ASN C 116 16.95 -21.25 -2.46
CA ASN C 116 16.48 -22.63 -2.51
C ASN C 116 15.49 -22.78 -1.37
N ASP C 117 14.40 -23.48 -1.63
CA ASP C 117 13.38 -23.72 -0.60
C ASP C 117 13.71 -25.06 0.05
N PHE C 118 13.88 -25.04 1.38
CA PHE C 118 14.22 -26.23 2.15
C PHE C 118 13.05 -26.72 3.01
N GLN C 119 13.28 -27.86 3.65
CA GLN C 119 12.32 -28.44 4.58
C GLN C 119 12.48 -27.49 5.76
N CYS C 120 11.37 -27.00 6.29
CA CYS C 120 11.43 -26.04 7.39
C CYS C 120 12.09 -26.53 8.69
N ASP C 121 12.16 -27.84 8.87
CA ASP C 121 12.77 -28.40 10.07
C ASP C 121 14.26 -28.67 9.86
N GLU C 122 14.76 -28.31 8.69
CA GLU C 122 16.16 -28.48 8.36
C GLU C 122 16.95 -27.48 9.20
N ILE C 123 18.22 -27.78 9.48
CA ILE C 123 19.04 -26.88 10.28
C ILE C 123 19.89 -26.01 9.35
N ASN C 124 19.92 -24.71 9.64
CA ASN C 124 20.67 -23.76 8.84
C ASN C 124 21.03 -22.51 9.61
N ASN C 125 22.03 -21.78 9.14
CA ASN C 125 22.37 -20.53 9.80
C ASN C 125 21.25 -19.64 9.33
N PHE C 126 21.26 -18.38 9.74
CA PHE C 126 20.20 -17.47 9.33
C PHE C 126 20.64 -16.02 9.43
N ILE C 127 19.84 -15.14 8.84
CA ILE C 127 20.16 -13.73 8.87
C ILE C 127 19.02 -12.94 9.47
N CYS C 128 19.34 -12.10 10.44
CA CYS C 128 18.35 -11.24 11.07
C CYS C 128 18.56 -9.83 10.53
N GLU C 129 17.47 -9.12 10.28
CA GLU C 129 17.54 -7.76 9.76
C GLU C 129 16.71 -6.79 10.60
N LYS C 130 17.22 -5.58 10.80
CA LYS C 130 16.51 -4.55 11.54
C LYS C 130 17.09 -3.15 11.27
N GLU C 131 16.30 -2.12 11.56
CA GLU C 131 16.73 -0.75 11.33
C GLU C 131 17.73 -0.25 12.36
N ARG C 132 18.72 0.50 11.88
CA ARG C 132 19.74 1.08 12.75
C ARG C 132 18.92 2.00 13.66
N GLU C 133 19.21 1.96 14.95
CA GLU C 133 18.48 2.77 15.91
C GLU C 133 18.93 4.22 15.87
N ALA C 134 17.96 5.13 15.90
CA ALA C 134 18.25 6.55 15.88
C ALA C 134 18.70 6.97 17.27
N VAL C 135 17.92 6.58 18.28
CA VAL C 135 18.22 6.90 19.67
C VAL C 135 17.92 5.71 20.58
N GLY D 4 -13.61 -14.29 2.19
CA GLY D 4 -14.90 -14.31 2.94
C GLY D 4 -16.10 -14.37 2.01
N CYS D 5 -15.88 -14.85 0.79
CA CYS D 5 -16.94 -14.96 -0.19
C CYS D 5 -17.35 -16.42 -0.42
N PRO D 6 -18.54 -16.64 -0.98
CA PRO D 6 -18.99 -18.01 -1.24
C PRO D 6 -18.08 -18.69 -2.24
N PRO D 7 -18.10 -20.04 -2.30
CA PRO D 7 -17.25 -20.77 -3.24
C PRO D 7 -17.50 -20.39 -4.70
N HIS D 8 -16.42 -20.19 -5.44
CA HIS D 8 -16.47 -19.81 -6.85
C HIS D 8 -16.85 -18.34 -7.08
N TRP D 9 -16.86 -17.55 -6.00
CA TRP D 9 -17.16 -16.13 -6.12
C TRP D 9 -15.85 -15.34 -6.02
N LYS D 10 -15.74 -14.28 -6.81
CA LYS D 10 -14.53 -13.45 -6.80
C LYS D 10 -14.68 -12.34 -5.77
N ASN D 11 -13.59 -11.98 -5.10
CA ASN D 11 -13.64 -10.91 -4.10
C ASN D 11 -12.94 -9.65 -4.62
N PHE D 12 -13.51 -8.51 -4.30
CA PHE D 12 -12.93 -7.20 -4.67
C PHE D 12 -13.34 -6.25 -3.56
N THR D 13 -12.36 -5.69 -2.88
CA THR D 13 -12.61 -4.81 -1.76
C THR D 13 -13.39 -5.62 -0.74
N ASP D 14 -14.51 -5.09 -0.26
CA ASP D 14 -15.30 -5.79 0.73
C ASP D 14 -16.51 -6.44 0.09
N LYS D 15 -16.49 -6.56 -1.24
CA LYS D 15 -17.61 -7.14 -1.97
C LYS D 15 -17.29 -8.50 -2.59
N CYS D 16 -18.35 -9.23 -2.94
CA CYS D 16 -18.24 -10.56 -3.55
C CYS D 16 -18.98 -10.55 -4.89
N TYR D 17 -18.33 -11.07 -5.91
CA TYR D 17 -18.92 -11.07 -7.24
C TYR D 17 -19.01 -12.44 -7.88
N TYR D 18 -20.11 -12.68 -8.57
CA TYR D 18 -20.32 -13.94 -9.25
C TYR D 18 -20.46 -13.71 -10.75
N PHE D 19 -19.50 -14.23 -11.51
CA PHE D 19 -19.55 -14.11 -12.96
C PHE D 19 -20.19 -15.40 -13.46
N SER D 20 -21.44 -15.30 -13.88
CA SER D 20 -22.20 -16.46 -14.31
C SER D 20 -21.63 -17.33 -15.42
N LEU D 21 -21.98 -18.60 -15.36
CA LEU D 21 -21.60 -19.57 -16.36
C LEU D 21 -22.94 -19.79 -17.07
N GLU D 22 -23.99 -19.43 -16.34
CA GLU D 22 -25.37 -19.53 -16.81
C GLU D 22 -25.76 -18.36 -17.69
N LYS D 23 -26.67 -18.61 -18.62
CA LYS D 23 -27.17 -17.57 -19.52
C LYS D 23 -28.68 -17.51 -19.33
N GLU D 24 -29.22 -16.32 -19.12
CA GLU D 24 -30.64 -16.20 -18.91
C GLU D 24 -31.10 -14.82 -19.36
N ILE D 25 -32.41 -14.59 -19.29
CA ILE D 25 -32.96 -13.29 -19.66
C ILE D 25 -32.77 -12.40 -18.44
N PHE D 26 -32.89 -11.09 -18.64
CA PHE D 26 -32.72 -10.14 -17.54
C PHE D 26 -33.50 -10.55 -16.29
N GLU D 27 -34.80 -10.76 -16.43
CA GLU D 27 -35.66 -11.12 -15.31
C GLU D 27 -35.16 -12.34 -14.53
N ASP D 28 -34.79 -13.39 -15.25
CA ASP D 28 -34.30 -14.62 -14.63
C ASP D 28 -32.88 -14.45 -14.10
N ALA D 29 -32.15 -13.46 -14.60
CA ALA D 29 -30.80 -13.22 -14.11
C ALA D 29 -30.96 -12.51 -12.77
N LYS D 30 -31.93 -11.60 -12.73
CA LYS D 30 -32.23 -10.84 -11.53
C LYS D 30 -32.62 -11.76 -10.39
N LEU D 31 -33.58 -12.65 -10.66
CA LEU D 31 -34.07 -13.59 -9.66
C LEU D 31 -32.96 -14.51 -9.17
N PHE D 32 -32.10 -14.94 -10.09
CA PHE D 32 -31.00 -15.82 -9.73
C PHE D 32 -30.12 -15.19 -8.67
N CYS D 33 -29.73 -13.94 -8.89
CA CYS D 33 -28.88 -13.28 -7.92
C CYS D 33 -29.65 -13.13 -6.61
N GLU D 34 -30.96 -12.88 -6.70
CA GLU D 34 -31.77 -12.72 -5.50
C GLU D 34 -31.81 -14.01 -4.67
N ASP D 35 -31.65 -15.15 -5.32
CA ASP D 35 -31.67 -16.44 -4.65
C ASP D 35 -30.32 -16.72 -3.99
N LYS D 36 -29.35 -15.88 -4.29
CA LYS D 36 -28.01 -16.01 -3.74
C LYS D 36 -27.79 -14.89 -2.75
N SER D 37 -28.90 -14.23 -2.39
CA SER D 37 -28.85 -13.11 -1.46
C SER D 37 -27.92 -12.02 -1.97
N SER D 38 -28.00 -11.77 -3.27
CA SER D 38 -27.17 -10.76 -3.92
C SER D 38 -28.06 -10.05 -4.92
N HIS D 39 -27.47 -9.19 -5.73
CA HIS D 39 -28.21 -8.45 -6.74
C HIS D 39 -27.33 -8.29 -7.99
N LEU D 40 -27.95 -8.13 -9.16
CA LEU D 40 -27.16 -7.92 -10.38
C LEU D 40 -26.25 -6.74 -10.05
N VAL D 41 -25.00 -6.85 -10.47
CA VAL D 41 -24.00 -5.84 -10.15
C VAL D 41 -24.36 -4.38 -10.45
N PHE D 42 -24.03 -3.52 -9.50
CA PHE D 42 -24.19 -2.08 -9.63
C PHE D 42 -22.74 -1.62 -9.75
N ILE D 43 -22.41 -0.92 -10.83
CA ILE D 43 -21.05 -0.45 -11.05
C ILE D 43 -21.01 1.03 -10.68
N ASN D 44 -20.54 1.28 -9.47
CA ASN D 44 -20.50 2.62 -8.90
C ASN D 44 -19.19 3.39 -8.97
N SER D 45 -18.14 2.80 -9.52
CA SER D 45 -16.87 3.50 -9.59
C SER D 45 -16.03 2.94 -10.71
N ARG D 46 -15.12 3.76 -11.23
CA ARG D 46 -14.27 3.29 -12.30
C ARG D 46 -13.37 2.18 -11.81
N GLU D 47 -13.02 2.19 -10.53
CA GLU D 47 -12.16 1.15 -9.97
C GLU D 47 -12.90 -0.18 -10.02
N GLU D 48 -14.18 -0.17 -9.68
CA GLU D 48 -14.98 -1.38 -9.70
C GLU D 48 -15.14 -1.83 -11.15
N GLN D 49 -15.39 -0.87 -12.03
CA GLN D 49 -15.55 -1.16 -13.45
C GLN D 49 -14.29 -1.82 -14.04
N GLN D 50 -13.12 -1.29 -13.69
CA GLN D 50 -11.85 -1.82 -14.20
C GLN D 50 -11.63 -3.26 -13.81
N TRP D 51 -11.92 -3.57 -12.56
CA TRP D 51 -11.75 -4.91 -12.06
C TRP D 51 -12.72 -5.89 -12.73
N ILE D 52 -13.99 -5.50 -12.84
CA ILE D 52 -15.01 -6.36 -13.48
C ILE D 52 -14.64 -6.59 -14.94
N LYS D 53 -14.19 -5.53 -15.61
CA LYS D 53 -13.78 -5.60 -17.00
C LYS D 53 -12.82 -6.77 -17.20
N LYS D 54 -12.00 -7.02 -16.19
CA LYS D 54 -11.00 -8.09 -16.24
C LYS D 54 -11.55 -9.52 -16.23
N HIS D 55 -12.72 -9.73 -15.63
CA HIS D 55 -13.28 -11.08 -15.57
C HIS D 55 -14.43 -11.30 -16.54
N THR D 56 -14.55 -10.43 -17.54
CA THR D 56 -15.63 -10.55 -18.50
C THR D 56 -15.20 -10.46 -19.95
N VAL D 57 -13.91 -10.70 -20.21
CA VAL D 57 -13.41 -10.67 -21.58
C VAL D 57 -13.95 -11.91 -22.30
N GLY D 58 -14.43 -11.72 -23.51
CA GLY D 58 -14.97 -12.83 -24.27
C GLY D 58 -16.20 -12.42 -25.06
N ARG D 59 -16.64 -13.29 -25.95
CA ARG D 59 -17.81 -13.01 -26.78
C ARG D 59 -19.10 -12.79 -25.97
N GLU D 60 -19.21 -13.42 -24.83
CA GLU D 60 -20.43 -13.28 -24.02
C GLU D 60 -20.60 -11.92 -23.37
N SER D 61 -21.84 -11.44 -23.33
CA SER D 61 -22.16 -10.16 -22.70
C SER D 61 -22.68 -10.50 -21.31
N HIS D 62 -22.59 -9.54 -20.38
CA HIS D 62 -23.04 -9.78 -19.02
C HIS D 62 -24.05 -8.74 -18.52
N TRP D 63 -25.21 -9.22 -18.08
CA TRP D 63 -26.23 -8.32 -17.54
C TRP D 63 -25.68 -7.64 -16.29
N ILE D 64 -26.08 -6.38 -16.08
CA ILE D 64 -25.73 -5.65 -14.87
C ILE D 64 -27.08 -5.12 -14.35
N GLY D 65 -27.15 -4.72 -13.09
CA GLY D 65 -28.43 -4.25 -12.54
C GLY D 65 -28.86 -2.82 -12.83
N LEU D 66 -28.89 -2.44 -14.11
CA LEU D 66 -29.28 -1.10 -14.53
C LEU D 66 -30.40 -1.17 -15.57
N THR D 67 -31.46 -0.38 -15.39
CA THR D 67 -32.59 -0.38 -16.33
C THR D 67 -33.23 0.99 -16.47
N ASP D 68 -33.99 1.18 -17.54
CA ASP D 68 -34.67 2.46 -17.75
C ASP D 68 -36.10 2.18 -18.19
N SER D 69 -36.65 1.11 -17.64
CA SER D 69 -38.01 0.69 -17.93
C SER D 69 -39.06 1.62 -17.32
N GLU D 70 -38.84 2.02 -16.06
CA GLU D 70 -39.79 2.89 -15.38
C GLU D 70 -40.00 4.17 -16.17
N GLN D 71 -38.91 4.70 -16.72
CA GLN D 71 -38.98 5.92 -17.51
C GLN D 71 -37.79 5.99 -18.48
N GLU D 72 -38.08 5.79 -19.76
CA GLU D 72 -37.06 5.82 -20.81
C GLU D 72 -36.07 6.96 -20.63
N SER D 73 -34.79 6.65 -20.78
CA SER D 73 -33.69 7.62 -20.64
C SER D 73 -33.22 7.81 -19.20
N GLU D 74 -34.08 7.48 -18.25
CA GLU D 74 -33.71 7.62 -16.84
C GLU D 74 -33.18 6.28 -16.31
N TRP D 75 -31.87 6.07 -16.45
CA TRP D 75 -31.25 4.84 -16.01
C TRP D 75 -31.02 4.80 -14.49
N LYS D 76 -31.46 3.70 -13.89
CA LYS D 76 -31.35 3.50 -12.45
C LYS D 76 -30.92 2.07 -12.11
N TRP D 77 -30.17 1.92 -11.03
CA TRP D 77 -29.75 0.61 -10.58
C TRP D 77 -30.99 -0.04 -9.99
N LEU D 78 -30.95 -1.34 -9.73
CA LEU D 78 -32.11 -2.04 -9.19
C LEU D 78 -32.54 -1.51 -7.83
N ASP D 79 -31.62 -0.90 -7.09
CA ASP D 79 -31.97 -0.36 -5.78
C ASP D 79 -32.70 0.97 -5.90
N GLY D 80 -32.87 1.45 -7.12
CA GLY D 80 -33.57 2.69 -7.34
C GLY D 80 -32.75 3.95 -7.48
N SER D 81 -31.46 3.88 -7.17
CA SER D 81 -30.61 5.06 -7.27
C SER D 81 -30.29 5.42 -8.72
N PRO D 82 -30.25 6.73 -9.02
CA PRO D 82 -29.95 7.18 -10.39
C PRO D 82 -28.53 6.80 -10.72
N VAL D 83 -28.25 6.60 -11.99
CA VAL D 83 -26.90 6.26 -12.38
C VAL D 83 -26.04 7.49 -12.12
N ASP D 84 -24.83 7.26 -11.64
CA ASP D 84 -23.87 8.32 -11.37
C ASP D 84 -22.70 8.01 -12.29
N TYR D 85 -21.84 7.10 -11.86
CA TYR D 85 -20.72 6.70 -12.69
C TYR D 85 -21.33 5.98 -13.86
N LYS D 86 -20.86 6.27 -15.07
CA LYS D 86 -21.39 5.58 -16.23
C LYS D 86 -20.25 5.24 -17.19
N ASN D 87 -20.45 4.20 -18.00
CA ASN D 87 -19.42 3.77 -18.94
C ASN D 87 -20.04 3.22 -20.24
N TRP D 88 -21.00 3.95 -20.79
CA TRP D 88 -21.68 3.55 -22.03
C TRP D 88 -20.75 3.60 -23.23
N LYS D 89 -20.93 2.67 -24.16
CA LYS D 89 -20.13 2.69 -25.38
C LYS D 89 -20.66 3.88 -26.17
N ALA D 90 -19.77 4.64 -26.79
CA ALA D 90 -20.16 5.81 -27.58
C ALA D 90 -21.30 5.50 -28.52
N GLY D 91 -22.44 6.14 -28.31
CA GLY D 91 -23.60 5.89 -29.15
C GLY D 91 -24.70 5.19 -28.40
N GLN D 92 -24.36 4.65 -27.22
CA GLN D 92 -25.33 3.97 -26.39
C GLN D 92 -25.65 4.84 -25.18
N PRO D 93 -26.85 4.67 -24.59
CA PRO D 93 -27.86 3.72 -25.04
C PRO D 93 -28.62 4.30 -26.23
N ASP D 94 -28.95 3.44 -27.20
CA ASP D 94 -29.67 3.89 -28.39
C ASP D 94 -31.11 3.37 -28.40
N ASN D 95 -31.56 2.83 -27.28
CA ASN D 95 -32.92 2.30 -27.15
C ASN D 95 -33.40 1.73 -28.49
N TRP D 96 -32.51 1.00 -29.15
CA TRP D 96 -32.79 0.40 -30.46
C TRP D 96 -34.11 -0.37 -30.56
N GLY D 97 -34.88 -0.06 -31.60
CA GLY D 97 -36.16 -0.71 -31.82
C GLY D 97 -37.33 -0.05 -31.10
N SER D 98 -37.12 1.18 -30.64
CA SER D 98 -38.17 1.92 -29.93
C SER D 98 -39.36 2.18 -30.86
N GLY D 99 -39.05 2.53 -32.10
CA GLY D 99 -40.09 2.82 -33.08
C GLY D 99 -41.25 1.84 -33.10
N HIS D 100 -40.95 0.56 -32.91
CA HIS D 100 -41.98 -0.47 -32.94
C HIS D 100 -42.12 -1.21 -31.61
N GLY D 101 -41.62 -0.60 -30.54
CA GLY D 101 -41.72 -1.25 -29.25
C GLY D 101 -41.04 -0.49 -28.12
N PRO D 102 -40.89 -1.10 -26.94
CA PRO D 102 -40.27 -0.47 -25.78
C PRO D 102 -38.80 -0.11 -25.98
N GLY D 103 -38.18 -0.66 -27.02
CA GLY D 103 -36.78 -0.36 -27.25
C GLY D 103 -35.91 -1.24 -26.36
N GLU D 104 -34.76 -0.73 -25.94
CA GLU D 104 -33.89 -1.52 -25.08
C GLU D 104 -33.84 -0.85 -23.70
N ASP D 105 -34.25 -1.58 -22.67
CA ASP D 105 -34.29 -1.03 -21.32
C ASP D 105 -33.52 -1.80 -20.25
N CYS D 106 -32.57 -2.63 -20.68
CA CYS D 106 -31.77 -3.41 -19.73
C CYS D 106 -30.31 -3.32 -20.15
N ALA D 107 -29.46 -2.84 -19.25
CA ALA D 107 -28.04 -2.68 -19.57
C ALA D 107 -27.20 -3.93 -19.39
N GLY D 108 -26.08 -3.97 -20.13
CA GLY D 108 -25.17 -5.10 -20.08
C GLY D 108 -23.79 -4.69 -20.54
N LEU D 109 -22.78 -5.45 -20.14
CA LEU D 109 -21.39 -5.16 -20.50
C LEU D 109 -21.06 -5.90 -21.80
N ILE D 110 -20.40 -5.22 -22.73
CA ILE D 110 -20.01 -5.87 -23.98
C ILE D 110 -18.50 -5.78 -24.12
N TYR D 111 -18.00 -5.55 -25.33
CA TYR D 111 -16.55 -5.46 -25.53
C TYR D 111 -15.88 -4.39 -24.69
N ALA D 112 -14.69 -4.71 -24.17
CA ALA D 112 -13.90 -3.79 -23.36
C ALA D 112 -14.58 -3.33 -22.06
N GLY D 113 -15.73 -3.90 -21.74
CA GLY D 113 -16.40 -3.52 -20.51
C GLY D 113 -17.37 -2.36 -20.63
N GLN D 114 -17.55 -1.84 -21.83
CA GLN D 114 -18.45 -0.72 -22.03
C GLN D 114 -19.89 -1.20 -21.92
N TRP D 115 -20.79 -0.30 -21.55
CA TRP D 115 -22.19 -0.66 -21.40
C TRP D 115 -23.00 -0.49 -22.66
N ASN D 116 -24.00 -1.36 -22.81
CA ASN D 116 -24.92 -1.34 -23.93
C ASN D 116 -26.29 -1.66 -23.39
N ASP D 117 -27.31 -1.10 -24.02
CA ASP D 117 -28.67 -1.39 -23.58
C ASP D 117 -29.20 -2.45 -24.54
N PHE D 118 -29.73 -3.53 -23.97
CA PHE D 118 -30.26 -4.61 -24.76
C PHE D 118 -31.75 -4.73 -24.51
N GLN D 119 -32.36 -5.61 -25.28
CA GLN D 119 -33.76 -5.92 -25.12
C GLN D 119 -33.72 -6.87 -23.93
N CYS D 120 -34.56 -6.60 -22.94
CA CYS D 120 -34.58 -7.39 -21.73
C CYS D 120 -34.81 -8.90 -21.88
N ASP D 121 -35.32 -9.33 -23.03
CA ASP D 121 -35.57 -10.75 -23.23
C ASP D 121 -34.42 -11.41 -23.98
N GLU D 122 -33.33 -10.66 -24.16
CA GLU D 122 -32.15 -11.17 -24.83
C GLU D 122 -31.51 -12.13 -23.83
N ILE D 123 -30.68 -13.05 -24.33
CA ILE D 123 -30.03 -14.00 -23.44
C ILE D 123 -28.59 -13.57 -23.21
N ASN D 124 -28.19 -13.52 -21.95
CA ASN D 124 -26.85 -13.09 -21.61
C ASN D 124 -26.39 -13.74 -20.31
N ASN D 125 -25.09 -13.65 -20.06
CA ASN D 125 -24.55 -14.15 -18.82
C ASN D 125 -24.86 -12.98 -17.89
N PHE D 126 -24.30 -12.97 -16.71
CA PHE D 126 -24.59 -11.86 -15.81
C PHE D 126 -23.64 -11.87 -14.65
N ILE D 127 -23.70 -10.82 -13.84
CA ILE D 127 -22.83 -10.71 -12.69
C ILE D 127 -23.65 -10.37 -11.45
N CYS D 128 -23.40 -11.10 -10.36
CA CYS D 128 -24.08 -10.86 -9.10
C CYS D 128 -23.08 -10.21 -8.15
N GLU D 129 -23.60 -9.40 -7.22
CA GLU D 129 -22.78 -8.70 -6.26
C GLU D 129 -23.45 -8.70 -4.87
N LYS D 130 -22.66 -8.88 -3.84
CA LYS D 130 -23.17 -8.85 -2.48
C LYS D 130 -22.00 -8.57 -1.55
N GLU D 131 -22.30 -8.07 -0.36
CA GLU D 131 -21.25 -7.77 0.60
C GLU D 131 -20.60 -9.05 1.09
N ARG D 132 -19.39 -8.95 1.61
CA ARG D 132 -18.69 -10.10 2.14
C ARG D 132 -19.31 -10.38 3.49
N GLU D 133 -19.56 -11.65 3.78
CA GLU D 133 -20.17 -12.04 5.05
C GLU D 133 -19.22 -11.84 6.22
C1 NAG E . 27.94 31.78 -3.09
C2 NAG E . 28.62 31.66 -1.74
C3 NAG E . 27.85 30.69 -0.84
C4 NAG E . 26.40 31.16 -0.74
C5 NAG E . 25.79 31.31 -2.14
C6 NAG E . 24.38 31.87 -2.09
C7 NAG E . 30.98 31.78 -1.25
C8 NAG E . 32.38 31.58 -1.79
N2 NAG E . 29.98 31.20 -1.92
O1 NAG E . 28.61 32.72 -3.86
O3 NAG E . 28.44 30.64 0.46
O4 NAG E . 25.63 30.21 0.03
O5 NAG E . 26.59 32.23 -2.92
O6 NAG E . 24.35 33.10 -1.39
O7 NAG E . 30.80 32.45 -0.22
C1 FUC E . 29.14 29.47 0.76
C2 FUC E . 30.08 29.70 1.96
C3 FUC E . 29.26 29.83 3.24
C4 FUC E . 28.35 28.62 3.41
C5 FUC E . 27.46 28.46 2.17
C6 FUC E . 26.59 27.21 2.25
O2 FUC E . 30.84 30.88 1.75
O3 FUC E . 30.13 29.96 4.35
O4 FUC E . 29.14 27.46 3.58
O5 FUC E . 28.28 28.35 0.98
C1 GAL E . 24.81 30.72 1.01
C2 GAL E . 23.79 29.67 1.43
C3 GAL E . 22.95 30.18 2.61
C4 GAL E . 23.84 30.69 3.74
C5 GAL E . 24.87 31.69 3.21
C6 GAL E . 25.86 32.13 4.27
O2 GAL E . 22.95 29.37 0.34
O3 GAL E . 22.14 29.11 3.08
O4 GAL E . 24.50 29.59 4.36
O5 GAL E . 25.64 31.10 2.13
O6 GAL E . 26.59 33.27 3.86
C1 NAG F . 11.94 6.03 15.35
C2 NAG F . 12.27 4.55 15.50
C3 NAG F . 10.99 3.73 15.69
C4 NAG F . 10.16 4.30 16.84
C5 NAG F . 9.95 5.80 16.67
C6 NAG F . 9.27 6.44 17.87
C7 NAG F . 14.29 4.16 14.25
C8 NAG F . 14.96 3.49 13.07
N2 NAG F . 12.96 4.08 14.32
O1 NAG F . 13.11 6.75 15.28
O3 NAG F . 11.34 2.36 15.96
O4 NAG F . 8.89 3.64 16.87
O5 NAG F . 11.21 6.48 16.51
O6 NAG F . 9.99 6.17 19.07
O7 NAG F . 14.97 4.76 15.08
C1 FUC F . 11.30 1.48 14.86
C2 FUC F . 11.97 0.16 15.23
C3 FUC F . 11.12 -0.58 16.27
C4 FUC F . 9.66 -0.72 15.79
C5 FUC F . 9.11 0.63 15.37
C6 FUC F . 7.73 0.53 14.74
O2 FUC F . 13.26 0.41 15.76
O3 FUC F . 11.67 -1.85 16.52
O4 FUC F . 9.60 -1.64 14.70
O5 FUC F . 9.98 1.24 14.39
C1 GAL F . 8.44 3.19 18.11
C2 GAL F . 6.94 2.95 18.03
C3 GAL F . 6.42 2.42 19.35
C4 GAL F . 7.22 1.20 19.80
C5 GAL F . 8.74 1.45 19.72
C6 GAL F . 9.53 0.18 19.94
O2 GAL F . 6.29 4.17 17.70
O3 GAL F . 5.05 2.07 19.22
O4 GAL F . 6.89 0.07 18.99
O5 GAL F . 9.11 1.96 18.42
O6 GAL F . 10.90 0.45 20.22
C1 NAG G . 24.08 -31.41 -3.45
C2 NAG G . 23.23 -31.30 -4.72
C3 NAG G . 22.06 -30.33 -4.48
C4 NAG G . 21.27 -30.73 -3.23
C5 NAG G . 22.22 -30.91 -2.04
C6 NAG G . 21.52 -31.44 -0.79
C7 NAG G . 24.30 -31.61 -6.87
C8 NAG G . 25.08 -31.01 -8.02
N2 NAG G . 24.05 -30.82 -5.82
O1 NAG G . 25.09 -32.34 -3.64
O3 NAG G . 21.19 -30.34 -5.64
O4 NAG G . 20.30 -29.72 -2.91
O5 NAG G . 23.26 -31.86 -2.36
O6 NAG G . 20.43 -32.28 -1.13
O7 NAG G . 23.91 -32.78 -6.93
C1 FUC G . 21.36 -29.27 -6.53
C2 FUC G . 20.63 -29.55 -7.85
C3 FUC G . 19.12 -29.55 -7.62
C4 FUC G . 18.69 -28.23 -6.98
C5 FUC G . 19.49 -27.97 -5.69
C6 FUC G . 19.20 -26.60 -5.10
O2 FUC G . 21.03 -30.80 -8.37
O3 FUC G . 18.45 -29.72 -8.86
O4 FUC G . 18.91 -27.17 -7.90
O5 FUC G . 20.91 -28.03 -5.96
C1 GAL G . 19.01 -30.15 -2.68
C2 GAL G . 18.20 -28.98 -2.08
C3 GAL G . 16.74 -29.38 -1.94
C4 GAL G . 16.20 -29.87 -3.27
C5 GAL G . 17.07 -31.00 -3.82
C6 GAL G . 16.63 -31.45 -5.19
O2 GAL G . 18.73 -28.63 -0.82
O3 GAL G . 15.99 -28.25 -1.50
O4 GAL G . 16.17 -28.80 -4.20
O5 GAL G . 18.44 -30.55 -3.94
O6 GAL G . 17.06 -32.78 -5.46
C1 NAG H . -23.34 -7.58 -33.91
C2 NAG H . -23.09 -6.10 -34.21
C3 NAG H . -23.45 -5.26 -32.99
C4 NAG H . -24.89 -5.57 -32.55
C5 NAG H . -25.06 -7.08 -32.34
C6 NAG H . -26.49 -7.45 -31.99
C7 NAG H . -21.41 -5.39 -35.75
C8 NAG H . -19.93 -5.15 -36.05
N2 NAG H . -21.71 -5.88 -34.56
O1 NAG H . -23.07 -8.33 -35.05
O3 NAG H . -23.34 -3.87 -33.32
O4 NAG H . -25.17 -4.86 -31.32
O5 NAG H . -24.70 -7.79 -33.54
O6 NAG H . -26.91 -8.63 -32.67
O7 NAG H . -22.26 -5.12 -36.60
C1 FUC H . -22.24 -3.21 -32.76
C2 FUC H . -22.05 -1.85 -33.43
C3 FUC H . -23.18 -0.89 -33.05
C4 FUC H . -23.36 -0.82 -31.53
C5 FUC H . -23.49 -2.23 -30.93
C6 FUC H . -23.54 -2.22 -29.42
O2 FUC H . -22.02 -2.03 -34.84
O3 FUC H . -22.92 0.40 -33.57
O4 FUC H . -22.24 -0.16 -30.96
O5 FUC H . -22.38 -3.05 -31.34
C1 GAL H . -26.45 -4.34 -31.21
C2 GAL H . -26.74 -4.00 -29.75
C3 GAL H . -28.13 -3.38 -29.63
C4 GAL H . -28.23 -2.16 -30.56
C5 GAL H . -27.85 -2.57 -31.99
C6 GAL H . -27.84 -1.41 -32.97
O2 GAL H . -26.69 -5.18 -28.96
O3 GAL H . -28.38 -2.99 -28.28
O4 GAL H . -27.37 -1.13 -30.11
O5 GAL H . -26.53 -3.16 -32.02
O6 GAL H . -27.35 -1.83 -34.25
CA CA I . 16.19 27.10 10.59
CA CA J . 22.45 28.00 5.11
CA CA K . 13.18 29.24 11.44
CA CA L . 15.50 7.15 1.89
CA CA M . -2.12 -3.30 23.39
CA CA N . 4.33 -0.43 18.82
CA CA O . -3.54 -2.47 26.94
CA CA P . -12.88 0.07 4.69
CA CA Q . 6.64 -25.13 -0.97
CA CA R . 14.61 -26.96 -3.23
CA CA S . 3.85 -26.82 1.05
CA CA T . 15.53 -5.88 3.63
CA CA U . -34.49 2.23 -23.02
CA CA V . -28.13 -0.63 -27.64
CA CA W . -38.37 1.52 -22.96
CA CA X . -21.10 -2.14 -6.67
#